data_8C28
#
_entry.id   8C28
#
_cell.length_a   63.443
_cell.length_b   80.689
_cell.length_c   142.393
_cell.angle_alpha   90.000
_cell.angle_beta   90.000
_cell.angle_gamma   90.000
#
_symmetry.space_group_name_H-M   'P 21 21 21'
#
loop_
_entity.id
_entity.type
_entity.pdbx_description
1 polymer '14-3-3 protein sigma'
2 polymer Pyrin
3 non-polymer 2-[3-(2-HYDROXY-1,1-DIHYDROXYMETHYL-ETHYLAMINO)-PROPYLAMINO]-2-HYDROXYMETHYL-PROPANE-1,3-DIOL
4 water water
#
loop_
_entity_poly.entity_id
_entity_poly.type
_entity_poly.pdbx_seq_one_letter_code
_entity_poly.pdbx_strand_id
1 'polypeptide(L)'
;GAMGSMERASLIQKAKLAEQAERYEDMAAFMKGAVEKGEELS(CSO)EERNLLSVAYKNVVGGQRAAWRVLSSIEQKSNE
EGSEEKGPEVREYREKVETELQGVCDTVLGLLDSHLIKEAGDAESRVFYLKMKGDYYRYLAEVATGDDKKRIIDSARSAY
QEAMDISKKEMPPTNPIRLGLALNFSVFHYEIANSPEEAISLAKTTFDEAMADLHTLSEDSYKDSTLIMQLLRDNLTLWT
;
AAA,BBB
2 'polypeptide(L)' RNA(SEP)SAGRLQGLAGGAPGQKECRPFEVYLPSGKMRPR(SEP)LEVTIS CCC,DDD,PPP
#
# COMPACT_ATOMS: atom_id res chain seq x y z
N GLY A 1 12.01 23.01 -2.91
CA GLY A 1 11.64 21.56 -2.87
C GLY A 1 11.01 21.09 -4.17
N ALA A 2 10.79 19.78 -4.26
CA ALA A 2 10.26 19.08 -5.46
C ALA A 2 8.90 19.66 -5.88
N MET A 3 8.12 20.20 -4.94
CA MET A 3 6.76 20.72 -5.24
C MET A 3 6.79 22.25 -5.38
N GLY A 4 7.98 22.86 -5.38
CA GLY A 4 8.15 24.31 -5.28
C GLY A 4 7.55 25.05 -6.49
N SER A 5 7.45 24.38 -7.63
CA SER A 5 6.91 25.05 -8.86
C SER A 5 5.39 24.91 -8.95
N MET A 6 4.74 24.14 -8.08
CA MET A 6 3.30 23.88 -8.18
C MET A 6 2.51 24.82 -7.28
N GLU A 7 1.42 25.37 -7.81
CA GLU A 7 0.44 26.18 -7.05
C GLU A 7 -0.05 25.41 -5.82
N ARG A 8 -0.22 26.12 -4.73
CA ARG A 8 -0.77 25.53 -3.49
C ARG A 8 -2.12 24.85 -3.71
N ALA A 9 -3.05 25.52 -4.40
CA ALA A 9 -4.38 24.95 -4.67
C ALA A 9 -4.24 23.65 -5.47
N SER A 10 -3.29 23.58 -6.38
CA SER A 10 -3.06 22.39 -7.24
C SER A 10 -2.50 21.23 -6.41
N LEU A 11 -1.64 21.54 -5.44
CA LEU A 11 -1.09 20.51 -4.53
C LEU A 11 -2.20 19.94 -3.66
N ILE A 12 -3.12 20.77 -3.17
CA ILE A 12 -4.26 20.28 -2.34
C ILE A 12 -5.16 19.42 -3.22
N GLN A 13 -5.43 19.86 -4.47
CA GLN A 13 -6.27 19.06 -5.38
C GLN A 13 -5.60 17.68 -5.62
N LYS A 14 -4.30 17.65 -5.82
CA LYS A 14 -3.58 16.39 -6.11
C LYS A 14 -3.52 15.51 -4.85
N ALA A 15 -3.44 16.09 -3.66
CA ALA A 15 -3.48 15.30 -2.41
C ALA A 15 -4.81 14.56 -2.35
N LYS A 16 -5.92 15.23 -2.67
CA LYS A 16 -7.25 14.57 -2.63
C LYS A 16 -7.37 13.48 -3.71
N LEU A 17 -6.82 13.69 -4.90
CA LEU A 17 -6.79 12.64 -5.96
C LEU A 17 -5.94 11.44 -5.45
N ALA A 18 -4.79 11.71 -4.86
CA ALA A 18 -3.91 10.66 -4.32
C ALA A 18 -4.67 9.82 -3.27
N GLU A 19 -5.41 10.45 -2.38
CA GLU A 19 -6.21 9.75 -1.35
C GLU A 19 -7.24 8.85 -2.06
N GLN A 20 -7.94 9.36 -3.08
CA GLN A 20 -8.93 8.56 -3.84
C GLN A 20 -8.23 7.36 -4.48
N ALA A 21 -7.00 7.52 -4.99
CA ALA A 21 -6.20 6.45 -5.64
C ALA A 21 -5.45 5.55 -4.63
N GLU A 22 -5.60 5.80 -3.34
CA GLU A 22 -4.88 5.12 -2.23
C GLU A 22 -3.39 5.19 -2.50
N ARG A 23 -2.90 6.34 -2.94
CA ARG A 23 -1.46 6.59 -3.18
C ARG A 23 -0.97 7.47 -2.04
N TYR A 24 -0.72 6.88 -0.86
CA TYR A 24 -0.53 7.72 0.34
C TYR A 24 0.86 8.38 0.31
N GLU A 25 1.90 7.75 -0.26
CA GLU A 25 3.22 8.41 -0.34
C GLU A 25 3.10 9.65 -1.21
N ASP A 26 2.38 9.54 -2.35
CA ASP A 26 2.11 10.76 -3.17
C ASP A 26 1.32 11.79 -2.39
N MET A 27 0.28 11.39 -1.68
CA MET A 27 -0.57 12.30 -0.91
C MET A 27 0.29 13.09 0.09
N ALA A 28 1.18 12.38 0.78
CA ALA A 28 2.06 13.00 1.79
C ALA A 28 3.00 14.00 1.11
N ALA A 29 3.58 13.66 -0.05
CA ALA A 29 4.49 14.55 -0.79
C ALA A 29 3.73 15.81 -1.23
N PHE A 30 2.48 15.67 -1.73
CA PHE A 30 1.68 16.86 -2.13
C PHE A 30 1.39 17.74 -0.90
N MET A 31 1.04 17.13 0.23
CA MET A 31 0.68 17.87 1.46
C MET A 31 1.92 18.55 2.02
N LYS A 32 3.06 17.90 1.97
CA LYS A 32 4.33 18.54 2.39
C LYS A 32 4.63 19.77 1.53
N GLY A 33 4.41 19.66 0.23
CA GLY A 33 4.63 20.81 -0.67
C GLY A 33 3.67 21.92 -0.33
N ALA A 34 2.44 21.60 0.01
CA ALA A 34 1.45 22.64 0.39
C ALA A 34 1.88 23.31 1.71
N VAL A 35 2.33 22.53 2.67
CA VAL A 35 2.78 23.11 3.97
C VAL A 35 3.94 24.06 3.70
N GLU A 36 4.83 23.69 2.80
CA GLU A 36 6.04 24.49 2.50
C GLU A 36 5.71 25.81 1.80
N LYS A 37 4.48 26.06 1.37
CA LYS A 37 4.06 27.39 0.86
C LYS A 37 4.03 28.40 2.02
N GLY A 38 3.94 27.92 3.26
CA GLY A 38 4.07 28.77 4.47
C GLY A 38 2.77 29.41 4.90
N GLU A 39 1.63 29.03 4.33
CA GLU A 39 0.31 29.52 4.79
C GLU A 39 -0.25 28.50 5.78
N GLU A 40 -1.18 28.93 6.64
CA GLU A 40 -1.85 28.03 7.62
C GLU A 40 -2.61 26.94 6.85
N LEU A 41 -2.84 25.79 7.46
CA LEU A 41 -3.76 24.79 6.91
C LEU A 41 -5.15 25.01 7.52
N SER A 42 -6.16 24.88 6.70
CA SER A 42 -7.58 24.76 7.13
C SER A 42 -7.77 23.44 7.90
N GLU A 44 -9.76 21.03 7.12
CA GLU A 44 -9.78 19.95 6.15
C GLU A 44 -8.35 19.59 5.68
N GLU A 45 -7.54 20.63 5.42
CA GLU A 45 -6.14 20.43 4.99
C GLU A 45 -5.36 19.73 6.10
N ARG A 46 -5.51 20.12 7.36
CA ARG A 46 -4.80 19.43 8.47
C ARG A 46 -5.12 17.92 8.41
N ASN A 47 -6.37 17.59 8.15
CA ASN A 47 -6.82 16.16 8.17
C ASN A 47 -6.18 15.43 7.00
N LEU A 48 -6.07 16.06 5.85
CA LEU A 48 -5.38 15.48 4.67
C LEU A 48 -3.93 15.19 5.05
N LEU A 49 -3.26 16.15 5.69
CA LEU A 49 -1.84 15.96 6.08
C LEU A 49 -1.71 14.76 7.02
N SER A 50 -2.56 14.72 8.03
CA SER A 50 -2.58 13.68 9.08
C SER A 50 -2.85 12.31 8.45
N VAL A 51 -3.87 12.24 7.58
CA VAL A 51 -4.23 10.95 6.90
C VAL A 51 -3.07 10.43 6.07
N ALA A 52 -2.43 11.31 5.30
CA ALA A 52 -1.36 10.96 4.36
C ALA A 52 -0.23 10.29 5.19
N TYR A 53 0.31 10.99 6.17
CA TYR A 53 1.49 10.47 6.91
C TYR A 53 1.10 9.32 7.83
N LYS A 54 -0.10 9.32 8.37
CA LYS A 54 -0.53 8.18 9.24
C LYS A 54 -0.52 6.90 8.42
N ASN A 55 -1.00 6.99 7.18
CA ASN A 55 -1.02 5.81 6.29
C ASN A 55 0.39 5.37 5.92
N VAL A 56 1.27 6.31 5.59
CA VAL A 56 2.67 5.95 5.25
C VAL A 56 3.34 5.27 6.44
N VAL A 57 3.33 5.91 7.61
N VAL A 57 3.30 5.95 7.58
CA VAL A 57 4.08 5.33 8.77
CA VAL A 57 4.02 5.46 8.78
C VAL A 57 3.32 4.13 9.31
C VAL A 57 3.33 4.17 9.23
N GLY A 58 2.01 4.06 9.12
CA GLY A 58 1.23 2.88 9.50
C GLY A 58 1.72 1.61 8.80
N GLY A 59 1.97 1.68 7.49
CA GLY A 59 2.53 0.56 6.72
C GLY A 59 3.94 0.20 7.18
N GLN A 60 4.75 1.19 7.52
CA GLN A 60 6.12 0.92 7.98
C GLN A 60 6.04 0.29 9.38
N ARG A 61 5.19 0.82 10.27
CA ARG A 61 5.06 0.26 11.67
C ARG A 61 4.59 -1.18 11.58
N ALA A 62 3.61 -1.48 10.73
CA ALA A 62 3.08 -2.86 10.57
C ALA A 62 4.19 -3.77 10.06
N ALA A 63 4.99 -3.34 9.09
CA ALA A 63 6.10 -4.11 8.54
C ALA A 63 7.14 -4.35 9.65
N TRP A 64 7.47 -3.31 10.40
CA TRP A 64 8.52 -3.41 11.44
C TRP A 64 8.08 -4.43 12.49
N ARG A 65 6.80 -4.43 12.84
CA ARG A 65 6.22 -5.37 13.83
C ARG A 65 6.27 -6.80 13.30
N VAL A 66 6.00 -7.02 12.02
CA VAL A 66 6.08 -8.39 11.42
C VAL A 66 7.53 -8.87 11.51
N LEU A 67 8.47 -8.03 11.07
CA LEU A 67 9.88 -8.45 10.98
C LEU A 67 10.46 -8.61 12.40
N SER A 68 10.09 -7.72 13.31
N SER A 68 10.09 -7.73 13.33
CA SER A 68 10.52 -7.76 14.73
CA SER A 68 10.59 -7.78 14.73
C SER A 68 10.09 -9.07 15.37
C SER A 68 10.07 -9.05 15.41
N SER A 69 8.84 -9.46 15.15
CA SER A 69 8.29 -10.76 15.64
C SER A 69 9.11 -11.95 15.09
N ILE A 70 9.34 -11.99 13.78
CA ILE A 70 10.17 -13.06 13.13
C ILE A 70 11.59 -13.03 13.76
N GLU A 71 12.14 -11.84 14.00
CA GLU A 71 13.52 -11.66 14.54
C GLU A 71 13.58 -12.26 15.95
N GLN A 72 12.56 -11.99 16.77
CA GLN A 72 12.55 -12.42 18.21
C GLN A 72 12.33 -13.93 18.27
N LYS A 73 11.50 -14.50 17.39
CA LYS A 73 11.26 -15.98 17.34
C LYS A 73 12.52 -16.73 16.88
N SER A 74 13.43 -16.09 16.16
CA SER A 74 14.73 -16.70 15.72
C SER A 74 15.88 -16.28 16.66
N ASN A 75 15.57 -15.69 17.82
CA ASN A 75 16.57 -15.32 18.86
C ASN A 75 16.34 -16.21 20.09
N GLU A 76 16.27 -17.53 19.85
CA GLU A 76 16.20 -18.61 20.88
C GLU A 76 17.26 -19.66 20.53
N GLU A 77 18.53 -19.38 20.84
CA GLU A 77 19.70 -20.28 20.54
C GLU A 77 20.96 -19.72 21.21
N LYS A 82 20.76 -19.42 11.89
CA LYS A 82 20.10 -18.10 12.10
C LYS A 82 20.28 -17.22 10.84
N GLY A 83 21.44 -16.57 10.71
CA GLY A 83 21.74 -15.64 9.60
C GLY A 83 21.29 -14.20 9.91
N PRO A 84 21.99 -13.21 9.34
CA PRO A 84 21.71 -11.82 9.67
C PRO A 84 20.52 -11.18 8.89
N GLU A 85 19.84 -11.93 8.03
CA GLU A 85 18.92 -11.32 6.99
C GLU A 85 17.71 -10.64 7.65
N VAL A 86 17.09 -11.28 8.64
CA VAL A 86 15.86 -10.75 9.27
C VAL A 86 16.23 -9.47 10.01
N ARG A 87 17.34 -9.47 10.75
CA ARG A 87 17.80 -8.23 11.43
C ARG A 87 18.12 -7.11 10.43
N GLU A 88 18.86 -7.41 9.38
CA GLU A 88 19.25 -6.41 8.35
C GLU A 88 17.99 -5.82 7.73
N TYR A 89 17.02 -6.64 7.41
CA TYR A 89 15.79 -6.12 6.73
C TYR A 89 14.96 -5.31 7.72
N ARG A 90 14.87 -5.77 8.98
CA ARG A 90 14.18 -5.00 10.02
C ARG A 90 14.87 -3.65 10.20
N GLU A 91 16.21 -3.59 10.23
CA GLU A 91 16.96 -2.32 10.33
C GLU A 91 16.64 -1.40 9.13
N LYS A 92 16.54 -1.95 7.94
CA LYS A 92 16.24 -1.14 6.73
C LYS A 92 14.85 -0.48 6.89
N VAL A 93 13.86 -1.27 7.29
CA VAL A 93 12.47 -0.79 7.48
C VAL A 93 12.49 0.25 8.59
N GLU A 94 13.22 -0.02 9.66
CA GLU A 94 13.31 0.91 10.80
C GLU A 94 13.86 2.27 10.35
N THR A 95 14.93 2.29 9.57
CA THR A 95 15.56 3.53 9.12
C THR A 95 14.57 4.32 8.25
N GLU A 96 13.81 3.62 7.41
CA GLU A 96 12.79 4.31 6.55
C GLU A 96 11.71 4.96 7.42
N LEU A 97 11.20 4.22 8.42
CA LEU A 97 10.18 4.68 9.39
C LEU A 97 10.72 5.92 10.09
N GLN A 98 11.98 5.88 10.55
CA GLN A 98 12.59 7.04 11.25
C GLN A 98 12.64 8.23 10.31
N GLY A 99 12.95 7.99 9.04
CA GLY A 99 13.00 9.04 8.01
C GLY A 99 11.68 9.78 7.88
N VAL A 100 10.60 9.02 7.82
CA VAL A 100 9.24 9.60 7.74
C VAL A 100 8.93 10.39 9.01
N CYS A 101 9.21 9.84 10.17
CA CYS A 101 8.91 10.56 11.44
C CYS A 101 9.71 11.87 11.47
N ASP A 102 10.98 11.82 11.06
CA ASP A 102 11.84 13.03 11.05
C ASP A 102 11.28 14.07 10.07
N THR A 103 10.71 13.62 8.96
CA THR A 103 10.09 14.52 7.95
C THR A 103 8.93 15.24 8.59
N VAL A 104 8.05 14.48 9.24
CA VAL A 104 6.83 15.04 9.88
C VAL A 104 7.20 16.00 11.00
N LEU A 105 8.11 15.57 11.86
CA LEU A 105 8.57 16.40 12.99
C LEU A 105 9.22 17.67 12.47
N GLY A 106 9.94 17.60 11.35
CA GLY A 106 10.54 18.81 10.76
C GLY A 106 9.50 19.77 10.23
N LEU A 107 8.48 19.26 9.54
CA LEU A 107 7.34 20.09 9.06
C LEU A 107 6.65 20.75 10.24
N LEU A 108 6.37 19.99 11.31
CA LEU A 108 5.70 20.55 12.51
C LEU A 108 6.54 21.68 13.07
N ASP A 109 7.84 21.47 13.26
CA ASP A 109 8.72 22.49 13.91
C ASP A 109 8.93 23.70 12.98
N SER A 110 9.16 23.45 11.69
CA SER A 110 9.56 24.49 10.72
C SER A 110 8.37 25.35 10.30
N HIS A 111 7.16 24.79 10.18
CA HIS A 111 6.02 25.43 9.50
C HIS A 111 4.76 25.48 10.37
N LEU A 112 4.42 24.41 11.11
CA LEU A 112 3.02 24.29 11.58
C LEU A 112 2.80 24.70 13.05
N ILE A 113 3.72 24.41 13.95
CA ILE A 113 3.54 24.69 15.41
C ILE A 113 3.85 26.19 15.62
N LYS A 114 2.85 26.95 16.02
CA LYS A 114 2.96 28.42 16.21
C LYS A 114 2.47 28.76 17.62
N GLU A 115 2.87 29.92 18.17
CA GLU A 115 2.35 30.42 19.48
C GLU A 115 0.89 30.87 19.25
N ALA A 116 0.57 31.37 18.05
CA ALA A 116 -0.75 31.91 17.63
C ALA A 116 -1.65 30.85 17.01
N GLY A 117 -2.82 31.29 16.53
CA GLY A 117 -3.84 30.42 15.91
C GLY A 117 -4.76 29.83 16.98
N ASP A 118 -5.90 29.31 16.53
CA ASP A 118 -6.92 28.79 17.46
C ASP A 118 -6.35 27.58 18.22
N ALA A 119 -6.94 27.27 19.36
CA ALA A 119 -6.49 26.19 20.26
C ALA A 119 -6.55 24.87 19.50
N GLU A 120 -7.59 24.69 18.71
CA GLU A 120 -7.81 23.41 18.00
C GLU A 120 -6.62 23.11 17.11
N SER A 121 -6.17 24.09 16.32
N SER A 121 -6.18 24.09 16.31
CA SER A 121 -4.98 23.96 15.42
CA SER A 121 -4.99 23.96 15.43
C SER A 121 -3.73 23.67 16.27
C SER A 121 -3.75 23.66 16.27
N ARG A 122 -3.51 24.41 17.36
CA ARG A 122 -2.30 24.22 18.19
C ARG A 122 -2.31 22.82 18.81
N VAL A 123 -3.46 22.36 19.31
CA VAL A 123 -3.58 21.03 19.93
C VAL A 123 -3.36 19.96 18.85
N PHE A 124 -3.92 20.17 17.68
CA PHE A 124 -3.84 19.20 16.55
C PHE A 124 -2.37 18.92 16.25
N TYR A 125 -1.56 19.97 16.11
CA TYR A 125 -0.12 19.84 15.73
C TYR A 125 0.73 19.31 16.88
N LEU A 126 0.44 19.71 18.13
CA LEU A 126 1.24 19.19 19.26
C LEU A 126 0.91 17.71 19.46
N LYS A 127 -0.36 17.35 19.28
CA LYS A 127 -0.73 15.92 19.31
C LYS A 127 0.06 15.15 18.24
N MET A 128 0.12 15.68 17.01
CA MET A 128 0.90 15.03 15.95
C MET A 128 2.37 14.90 16.36
N LYS A 129 2.94 15.95 16.97
CA LYS A 129 4.34 15.91 17.42
C LYS A 129 4.51 14.77 18.43
N GLY A 130 3.60 14.65 19.40
CA GLY A 130 3.64 13.54 20.36
C GLY A 130 3.52 12.19 19.70
N ASP A 131 2.67 12.08 18.70
CA ASP A 131 2.43 10.81 17.96
C ASP A 131 3.72 10.40 17.25
N TYR A 132 4.37 11.31 16.52
CA TYR A 132 5.55 10.95 15.70
C TYR A 132 6.76 10.68 16.60
N TYR A 133 6.90 11.37 17.73
CA TYR A 133 7.91 10.94 18.72
C TYR A 133 7.56 9.58 19.28
N ARG A 134 6.29 9.30 19.54
CA ARG A 134 5.85 7.98 20.02
C ARG A 134 6.26 6.89 19.03
N TYR A 135 6.05 7.13 17.75
CA TYR A 135 6.50 6.14 16.75
C TYR A 135 8.01 5.96 16.78
N LEU A 136 8.82 7.01 16.96
CA LEU A 136 10.28 6.85 17.09
C LEU A 136 10.61 6.02 18.34
N ALA A 137 9.86 6.26 19.41
CA ALA A 137 10.07 5.59 20.71
C ALA A 137 9.84 4.09 20.58
N GLU A 138 8.90 3.69 19.74
CA GLU A 138 8.56 2.26 19.51
C GLU A 138 9.76 1.49 18.99
N VAL A 139 10.70 2.13 18.30
CA VAL A 139 11.84 1.42 17.70
C VAL A 139 13.18 1.83 18.33
N ALA A 140 13.20 2.81 19.23
CA ALA A 140 14.45 3.40 19.76
C ALA A 140 14.96 2.52 20.89
N THR A 141 16.23 2.73 21.22
CA THR A 141 16.85 2.08 22.40
C THR A 141 17.71 3.10 23.16
N GLY A 142 18.05 2.74 24.40
CA GLY A 142 19.05 3.45 25.20
C GLY A 142 18.78 4.93 25.39
N ASP A 143 19.85 5.73 25.36
CA ASP A 143 19.77 7.18 25.71
C ASP A 143 18.80 7.90 24.75
N ASP A 144 18.83 7.47 23.48
CA ASP A 144 18.02 8.09 22.40
C ASP A 144 16.56 7.88 22.80
N LYS A 145 16.23 6.67 23.22
CA LYS A 145 14.83 6.39 23.59
C LYS A 145 14.43 7.28 24.76
N LYS A 146 15.29 7.45 25.77
CA LYS A 146 14.91 8.35 26.90
C LYS A 146 14.64 9.75 26.40
N ARG A 147 15.49 10.27 25.52
CA ARG A 147 15.29 11.64 24.97
C ARG A 147 13.95 11.71 24.22
N ILE A 148 13.69 10.70 23.39
CA ILE A 148 12.45 10.70 22.56
C ILE A 148 11.21 10.61 23.46
N ILE A 149 11.24 9.79 24.51
CA ILE A 149 10.09 9.67 25.44
C ILE A 149 9.83 11.04 26.09
N ASP A 150 10.87 11.75 26.53
CA ASP A 150 10.72 13.09 27.11
C ASP A 150 10.08 14.04 26.10
N SER A 151 10.54 14.02 24.85
CA SER A 151 9.99 14.89 23.78
C SER A 151 8.49 14.59 23.58
N ALA A 152 8.14 13.34 23.43
CA ALA A 152 6.72 12.88 23.30
C ALA A 152 5.89 13.40 24.49
N ARG A 153 6.32 13.13 25.71
N ARG A 153 6.33 13.09 25.70
CA ARG A 153 5.58 13.54 26.92
CA ARG A 153 5.64 13.50 26.96
C ARG A 153 5.39 15.05 26.90
C ARG A 153 5.42 15.01 26.94
N SER A 154 6.45 15.80 26.58
CA SER A 154 6.40 17.27 26.62
C SER A 154 5.39 17.78 25.61
N ALA A 155 5.36 17.26 24.36
CA ALA A 155 4.37 17.68 23.36
C ALA A 155 2.93 17.30 23.80
N TYR A 156 2.72 16.06 24.17
CA TYR A 156 1.39 15.60 24.63
C TYR A 156 0.90 16.47 25.83
N GLN A 157 1.75 16.68 26.82
CA GLN A 157 1.38 17.44 28.06
C GLN A 157 0.99 18.86 27.65
N GLU A 158 1.77 19.50 26.78
CA GLU A 158 1.44 20.86 26.33
C GLU A 158 0.08 20.84 25.64
N ALA A 159 -0.19 19.87 24.77
CA ALA A 159 -1.49 19.79 24.10
C ALA A 159 -2.61 19.55 25.12
N MET A 160 -2.39 18.71 26.12
CA MET A 160 -3.44 18.37 27.14
C MET A 160 -3.84 19.63 27.91
N ASP A 161 -2.83 20.43 28.24
CA ASP A 161 -2.98 21.68 29.03
C ASP A 161 -3.87 22.63 28.23
N ILE A 162 -3.58 22.81 26.93
CA ILE A 162 -4.40 23.70 26.08
C ILE A 162 -5.81 23.13 25.98
N SER A 163 -5.95 21.82 25.73
CA SER A 163 -7.25 21.23 25.38
C SER A 163 -8.15 21.37 26.64
N LYS A 164 -7.62 21.18 27.83
CA LYS A 164 -8.42 21.21 29.09
C LYS A 164 -8.89 22.66 29.32
N LYS A 165 -8.07 23.65 28.99
CA LYS A 165 -8.37 25.08 29.20
C LYS A 165 -9.34 25.57 28.11
N GLU A 166 -9.24 25.10 26.85
CA GLU A 166 -9.86 25.82 25.70
C GLU A 166 -10.89 24.99 24.92
N MET A 167 -11.07 23.69 25.16
CA MET A 167 -11.98 22.86 24.31
C MET A 167 -12.88 22.04 25.21
N PRO A 168 -14.12 21.75 24.77
CA PRO A 168 -15.05 20.95 25.57
C PRO A 168 -14.67 19.47 25.57
N PRO A 169 -15.08 18.71 26.61
CA PRO A 169 -14.68 17.31 26.76
C PRO A 169 -15.02 16.38 25.59
N THR A 170 -15.94 16.76 24.70
CA THR A 170 -16.37 15.90 23.58
C THR A 170 -15.63 16.32 22.31
N ASN A 171 -14.85 17.40 22.37
CA ASN A 171 -14.11 17.84 21.16
C ASN A 171 -13.29 16.65 20.64
N PRO A 172 -13.44 16.25 19.37
CA PRO A 172 -12.72 15.07 18.84
C PRO A 172 -11.18 15.19 18.90
N ILE A 173 -10.64 16.39 18.70
CA ILE A 173 -9.17 16.60 18.81
C ILE A 173 -8.77 16.34 20.26
N ARG A 174 -9.50 16.92 21.21
CA ARG A 174 -9.25 16.67 22.66
C ARG A 174 -9.36 15.17 23.01
N LEU A 175 -10.40 14.51 22.53
CA LEU A 175 -10.57 13.05 22.74
C LEU A 175 -9.40 12.24 22.15
N GLY A 176 -9.08 12.49 20.88
CA GLY A 176 -8.02 11.79 20.15
C GLY A 176 -6.67 11.98 20.80
N LEU A 177 -6.39 13.18 21.30
CA LEU A 177 -5.16 13.46 22.05
C LEU A 177 -5.12 12.63 23.32
N ALA A 178 -6.22 12.59 24.06
CA ALA A 178 -6.27 11.85 25.34
C ALA A 178 -6.11 10.35 25.08
N LEU A 179 -6.79 9.84 24.06
CA LEU A 179 -6.63 8.43 23.64
C LEU A 179 -5.13 8.12 23.39
N ASN A 180 -4.48 8.91 22.55
CA ASN A 180 -3.08 8.67 22.16
C ASN A 180 -2.14 8.85 23.36
N PHE A 181 -2.34 9.88 24.17
CA PHE A 181 -1.53 10.11 25.39
C PHE A 181 -1.66 8.92 26.38
N SER A 182 -2.86 8.36 26.48
CA SER A 182 -3.10 7.15 27.30
C SER A 182 -2.31 5.97 26.74
N VAL A 183 -2.27 5.82 25.41
CA VAL A 183 -1.47 4.75 24.78
C VAL A 183 0.02 4.98 25.05
N PHE A 184 0.46 6.22 24.98
CA PHE A 184 1.86 6.60 25.35
C PHE A 184 2.14 6.12 26.79
N HIS A 185 1.27 6.45 27.73
CA HIS A 185 1.44 6.06 29.16
C HIS A 185 1.56 4.54 29.26
N TYR A 186 0.69 3.82 28.58
CA TYR A 186 0.58 2.36 28.73
C TYR A 186 1.74 1.65 28.09
N GLU A 187 2.02 1.97 26.84
CA GLU A 187 2.89 1.17 25.99
C GLU A 187 4.31 1.70 25.99
N ILE A 188 4.50 3.00 26.20
CA ILE A 188 5.86 3.57 25.99
C ILE A 188 6.46 3.88 27.38
N ALA A 189 5.72 4.57 28.20
CA ALA A 189 6.21 5.13 29.49
C ALA A 189 6.07 4.08 30.60
N ASN A 190 5.48 2.92 30.30
CA ASN A 190 5.16 1.84 31.28
C ASN A 190 4.54 2.46 32.54
N SER A 191 3.49 3.25 32.38
CA SER A 191 2.63 3.81 33.46
C SER A 191 1.18 3.40 33.21
N PRO A 192 0.83 2.10 33.37
CA PRO A 192 -0.54 1.64 33.16
C PRO A 192 -1.57 2.37 34.01
N GLU A 193 -1.24 2.70 35.25
CA GLU A 193 -2.22 3.36 36.15
C GLU A 193 -2.56 4.75 35.59
N GLU A 194 -1.58 5.49 35.07
CA GLU A 194 -1.82 6.82 34.47
C GLU A 194 -2.63 6.63 33.18
N ALA A 195 -2.34 5.57 32.43
CA ALA A 195 -3.05 5.32 31.15
C ALA A 195 -4.52 5.04 31.43
N ILE A 196 -4.77 4.13 32.37
CA ILE A 196 -6.16 3.75 32.74
C ILE A 196 -6.91 4.96 33.28
N SER A 197 -6.33 5.70 34.22
CA SER A 197 -6.94 6.89 34.86
CA SER A 197 -6.98 6.87 34.85
C SER A 197 -7.35 7.91 33.79
N LEU A 198 -6.41 8.25 32.89
CA LEU A 198 -6.68 9.22 31.82
C LEU A 198 -7.83 8.76 30.92
N ALA A 199 -7.78 7.51 30.46
CA ALA A 199 -8.80 6.97 29.54
C ALA A 199 -10.20 7.02 30.22
N LYS A 200 -10.25 6.60 31.49
CA LYS A 200 -11.53 6.56 32.27
C LYS A 200 -12.07 7.96 32.46
N THR A 201 -11.24 8.92 32.89
CA THR A 201 -11.69 10.32 33.02
C THR A 201 -12.16 10.85 31.68
N THR A 202 -11.38 10.67 30.60
CA THR A 202 -11.76 11.20 29.28
C THR A 202 -13.12 10.63 28.88
N PHE A 203 -13.26 9.32 29.02
CA PHE A 203 -14.49 8.61 28.57
C PHE A 203 -15.68 9.17 29.35
N ASP A 204 -15.56 9.16 30.67
CA ASP A 204 -16.66 9.55 31.61
C ASP A 204 -17.05 11.02 31.37
N GLU A 205 -16.09 11.94 31.23
CA GLU A 205 -16.44 13.37 31.08
C GLU A 205 -17.08 13.61 29.74
N ALA A 206 -16.67 12.86 28.72
CA ALA A 206 -17.31 12.97 27.40
C ALA A 206 -18.74 12.41 27.54
N MET A 207 -18.89 11.29 28.25
CA MET A 207 -20.23 10.61 28.30
C MET A 207 -21.26 11.62 28.85
N ALA A 208 -20.89 12.42 29.87
CA ALA A 208 -21.74 13.48 30.48
C ALA A 208 -22.22 14.53 29.47
N ASP A 209 -21.50 14.80 28.38
CA ASP A 209 -21.81 15.93 27.47
C ASP A 209 -22.45 15.46 26.15
N LEU A 210 -22.61 14.17 25.92
CA LEU A 210 -23.05 13.67 24.57
C LEU A 210 -24.36 14.31 24.12
N HIS A 211 -25.31 14.52 25.04
CA HIS A 211 -26.69 14.99 24.75
C HIS A 211 -26.65 16.39 24.11
N THR A 212 -25.54 17.11 24.24
CA THR A 212 -25.37 18.50 23.76
C THR A 212 -25.01 18.54 22.27
N LEU A 213 -24.66 17.41 21.64
CA LEU A 213 -23.96 17.44 20.32
C LEU A 213 -24.96 17.29 19.16
N SER A 214 -24.66 17.88 18.00
CA SER A 214 -25.38 17.66 16.72
C SER A 214 -25.07 16.26 16.17
N GLU A 215 -25.71 15.87 15.06
CA GLU A 215 -25.58 14.51 14.46
C GLU A 215 -24.12 14.25 14.11
N ASP A 216 -23.51 15.07 13.24
CA ASP A 216 -22.14 14.87 12.70
C ASP A 216 -21.15 14.79 13.88
N SER A 217 -21.25 15.74 14.83
CA SER A 217 -20.46 15.84 16.07
C SER A 217 -20.57 14.57 16.90
N TYR A 218 -21.79 14.08 17.09
CA TYR A 218 -22.09 12.88 17.92
C TYR A 218 -21.28 11.69 17.37
N LYS A 219 -21.33 11.46 16.06
CA LYS A 219 -20.59 10.42 15.28
C LYS A 219 -19.08 10.52 15.58
N ASP A 220 -18.47 11.68 15.28
CA ASP A 220 -17.03 11.93 15.46
C ASP A 220 -16.59 11.61 16.90
N SER A 221 -17.34 12.08 17.91
CA SER A 221 -16.98 11.86 19.34
C SER A 221 -17.16 10.40 19.77
N THR A 222 -18.25 9.72 19.41
CA THR A 222 -18.54 8.35 19.96
C THR A 222 -17.56 7.34 19.35
N LEU A 223 -17.16 7.54 18.09
CA LEU A 223 -16.10 6.71 17.46
C LEU A 223 -14.88 6.72 18.39
N ILE A 224 -14.44 7.90 18.83
CA ILE A 224 -13.22 7.98 19.65
C ILE A 224 -13.48 7.42 21.05
N MET A 225 -14.66 7.66 21.58
CA MET A 225 -15.01 7.13 22.92
C MET A 225 -15.03 5.62 22.89
N GLN A 226 -15.48 5.02 21.78
CA GLN A 226 -15.45 3.54 21.71
C GLN A 226 -13.99 3.04 21.76
N LEU A 227 -13.03 3.76 21.14
CA LEU A 227 -11.62 3.29 21.18
C LEU A 227 -11.09 3.40 22.62
N LEU A 228 -11.43 4.49 23.31
CA LEU A 228 -11.06 4.67 24.74
C LEU A 228 -11.61 3.48 25.53
N ARG A 229 -12.87 3.17 25.30
CA ARG A 229 -13.57 2.08 26.05
C ARG A 229 -12.93 0.73 25.71
N ASP A 230 -12.54 0.49 24.45
CA ASP A 230 -11.89 -0.77 24.04
C ASP A 230 -10.55 -0.90 24.72
N ASN A 231 -9.79 0.20 24.81
CA ASN A 231 -8.49 0.12 25.51
C ASN A 231 -8.77 -0.19 27.00
N LEU A 232 -9.75 0.47 27.61
CA LEU A 232 -10.04 0.23 29.05
C LEU A 232 -10.42 -1.25 29.24
N THR A 233 -11.15 -1.82 28.28
CA THR A 233 -11.57 -3.24 28.31
C THR A 233 -10.31 -4.10 28.32
N LEU A 234 -9.38 -3.79 27.42
CA LEU A 234 -8.12 -4.56 27.25
C LEU A 234 -7.22 -4.41 28.49
N TRP A 235 -7.21 -3.22 29.12
CA TRP A 235 -6.21 -2.85 30.14
C TRP A 235 -6.64 -3.28 31.55
N THR A 236 -7.94 -3.50 31.76
CA THR A 236 -8.56 -3.71 33.11
C THR A 236 -9.38 -5.02 33.11
N GLY B 1 24.22 -3.82 -9.54
CA GLY B 1 23.24 -2.80 -9.06
C GLY B 1 23.28 -2.70 -7.54
N ALA B 2 22.23 -2.09 -6.96
CA ALA B 2 22.09 -1.78 -5.52
C ALA B 2 22.16 -3.09 -4.70
N MET B 3 21.84 -4.21 -5.33
CA MET B 3 21.82 -5.54 -4.64
C MET B 3 23.07 -6.36 -5.00
N GLY B 4 24.06 -5.77 -5.66
CA GLY B 4 25.22 -6.48 -6.20
C GLY B 4 26.09 -7.10 -5.11
N SER B 5 26.12 -6.52 -3.92
CA SER B 5 27.02 -7.03 -2.86
C SER B 5 26.32 -8.10 -2.02
N MET B 6 25.02 -8.39 -2.24
CA MET B 6 24.27 -9.35 -1.41
C MET B 6 24.33 -10.72 -2.05
N GLU B 7 24.54 -11.73 -1.24
CA GLU B 7 24.40 -13.16 -1.63
C GLU B 7 23.02 -13.45 -2.24
N ARG B 8 22.97 -14.25 -3.29
CA ARG B 8 21.70 -14.66 -3.94
C ARG B 8 20.77 -15.24 -2.89
N ALA B 9 21.25 -16.13 -2.03
CA ALA B 9 20.34 -16.82 -1.10
C ALA B 9 19.76 -15.80 -0.11
N SER B 10 20.53 -14.80 0.24
CA SER B 10 20.09 -13.73 1.17
C SER B 10 18.99 -12.89 0.47
N LEU B 11 19.16 -12.64 -0.82
CA LEU B 11 18.16 -11.86 -1.60
C LEU B 11 16.84 -12.63 -1.62
N ILE B 12 16.88 -13.95 -1.87
CA ILE B 12 15.65 -14.79 -1.85
C ILE B 12 15.04 -14.78 -0.47
N GLN B 13 15.85 -14.91 0.59
CA GLN B 13 15.27 -14.85 1.95
C GLN B 13 14.57 -13.51 2.19
N LYS B 14 15.21 -12.42 1.77
CA LYS B 14 14.67 -11.06 2.05
C LYS B 14 13.42 -10.80 1.19
N ALA B 15 13.34 -11.37 -0.01
CA ALA B 15 12.12 -11.31 -0.83
C ALA B 15 10.99 -11.97 -0.06
N LYS B 16 11.24 -13.14 0.54
CA LYS B 16 10.19 -13.83 1.32
C LYS B 16 9.79 -13.03 2.55
N LEU B 17 10.75 -12.39 3.23
CA LEU B 17 10.45 -11.49 4.38
C LEU B 17 9.61 -10.31 3.89
N ALA B 18 9.97 -9.71 2.75
CA ALA B 18 9.23 -8.54 2.22
C ALA B 18 7.78 -8.95 1.92
N GLU B 19 7.59 -10.15 1.41
CA GLU B 19 6.26 -10.66 1.05
C GLU B 19 5.45 -10.78 2.35
N GLN B 20 6.06 -11.28 3.41
CA GLN B 20 5.34 -11.45 4.70
C GLN B 20 4.97 -10.08 5.22
N ALA B 21 5.82 -9.09 5.00
CA ALA B 21 5.58 -7.71 5.47
C ALA B 21 4.71 -6.93 4.47
N GLU B 22 4.31 -7.53 3.35
CA GLU B 22 3.49 -6.85 2.29
C GLU B 22 4.25 -5.63 1.78
N ARG B 23 5.56 -5.75 1.69
CA ARG B 23 6.44 -4.73 1.10
C ARG B 23 6.77 -5.17 -0.30
N TYR B 24 5.85 -5.00 -1.25
CA TYR B 24 6.04 -5.61 -2.60
C TYR B 24 7.13 -4.88 -3.41
N GLU B 25 7.30 -3.57 -3.27
CA GLU B 25 8.40 -2.87 -3.98
C GLU B 25 9.72 -3.45 -3.51
N ASP B 26 9.88 -3.62 -2.21
CA ASP B 26 11.15 -4.23 -1.68
C ASP B 26 11.29 -5.66 -2.22
N MET B 27 10.20 -6.41 -2.20
CA MET B 27 10.19 -7.82 -2.67
C MET B 27 10.67 -7.86 -4.11
N ALA B 28 10.10 -6.99 -4.94
CA ALA B 28 10.54 -6.93 -6.35
C ALA B 28 12.01 -6.57 -6.48
N ALA B 29 12.50 -5.55 -5.77
CA ALA B 29 13.92 -5.14 -5.84
C ALA B 29 14.84 -6.32 -5.43
N PHE B 30 14.46 -7.06 -4.40
CA PHE B 30 15.26 -8.24 -3.95
C PHE B 30 15.25 -9.31 -5.06
N MET B 31 14.11 -9.56 -5.69
CA MET B 31 14.01 -10.61 -6.76
C MET B 31 14.73 -10.14 -8.01
N LYS B 32 14.73 -8.83 -8.30
CA LYS B 32 15.54 -8.31 -9.41
C LYS B 32 17.04 -8.53 -9.12
N GLY B 33 17.51 -8.28 -7.89
CA GLY B 33 18.92 -8.54 -7.54
C GLY B 33 19.23 -10.03 -7.74
N ALA B 34 18.31 -10.91 -7.37
CA ALA B 34 18.52 -12.37 -7.47
C ALA B 34 18.64 -12.74 -8.96
N VAL B 35 17.75 -12.23 -9.79
CA VAL B 35 17.80 -12.49 -11.24
C VAL B 35 19.14 -12.04 -11.79
N GLU B 36 19.63 -10.88 -11.37
CA GLU B 36 20.87 -10.32 -11.91
C GLU B 36 22.09 -11.13 -11.46
N LYS B 37 21.99 -12.09 -10.55
CA LYS B 37 23.13 -13.01 -10.31
C LYS B 37 23.34 -13.93 -11.52
N GLY B 38 22.37 -14.03 -12.43
CA GLY B 38 22.62 -14.73 -13.72
C GLY B 38 22.38 -16.23 -13.66
N GLU B 39 21.88 -16.78 -12.55
CA GLU B 39 21.45 -18.19 -12.44
C GLU B 39 19.97 -18.33 -12.81
N GLU B 40 19.57 -19.50 -13.28
CA GLU B 40 18.14 -19.78 -13.58
C GLU B 40 17.35 -19.62 -12.31
N LEU B 41 16.09 -19.24 -12.41
CA LEU B 41 15.18 -19.24 -11.24
C LEU B 41 14.52 -20.61 -11.15
N SER B 42 14.33 -21.10 -9.93
CA SER B 42 13.46 -22.27 -9.65
C SER B 42 12.01 -21.89 -9.83
N GLU B 44 9.64 -22.00 -7.61
CA GLU B 44 9.27 -21.17 -6.50
C GLU B 44 9.79 -19.72 -6.70
N GLU B 45 11.01 -19.59 -7.18
CA GLU B 45 11.62 -18.24 -7.31
C GLU B 45 10.93 -17.48 -8.45
N ARG B 46 10.58 -18.14 -9.56
CA ARG B 46 9.82 -17.48 -10.66
C ARG B 46 8.55 -16.86 -10.11
N ASN B 47 7.85 -17.60 -9.29
CA ASN B 47 6.57 -17.18 -8.69
C ASN B 47 6.80 -16.01 -7.70
N LEU B 48 7.87 -16.01 -6.91
CA LEU B 48 8.21 -14.83 -6.07
C LEU B 48 8.38 -13.60 -6.98
N LEU B 49 9.13 -13.72 -8.04
CA LEU B 49 9.38 -12.60 -8.97
C LEU B 49 8.03 -12.09 -9.46
N SER B 50 7.18 -13.01 -9.88
CA SER B 50 5.90 -12.67 -10.54
C SER B 50 4.97 -12.02 -9.53
N VAL B 51 4.87 -12.61 -8.35
CA VAL B 51 4.00 -12.05 -7.28
C VAL B 51 4.47 -10.62 -6.98
N ALA B 52 5.77 -10.38 -6.89
CA ALA B 52 6.31 -9.06 -6.44
C ALA B 52 5.88 -8.00 -7.45
N TYR B 53 6.20 -8.25 -8.72
CA TYR B 53 5.96 -7.24 -9.77
C TYR B 53 4.47 -7.11 -10.05
N LYS B 54 3.71 -8.20 -9.98
CA LYS B 54 2.25 -8.10 -10.23
C LYS B 54 1.59 -7.24 -9.16
N ASN B 55 2.02 -7.35 -7.89
CA ASN B 55 1.53 -6.48 -6.80
C ASN B 55 1.89 -5.01 -7.06
N VAL B 56 3.12 -4.74 -7.45
CA VAL B 56 3.57 -3.35 -7.72
C VAL B 56 2.76 -2.79 -8.88
N VAL B 57 2.71 -3.49 -10.01
N VAL B 57 2.73 -3.50 -10.00
CA VAL B 57 2.00 -2.88 -11.19
CA VAL B 57 2.06 -2.95 -11.22
C VAL B 57 0.50 -2.90 -10.92
C VAL B 57 0.55 -2.92 -10.96
N GLY B 58 0.01 -3.85 -10.12
CA GLY B 58 -1.42 -3.90 -9.80
C GLY B 58 -1.86 -2.62 -9.09
N GLY B 59 -1.07 -2.10 -8.15
CA GLY B 59 -1.33 -0.85 -7.45
C GLY B 59 -1.37 0.29 -8.44
N GLN B 60 -0.41 0.34 -9.33
CA GLN B 60 -0.28 1.44 -10.31
C GLN B 60 -1.48 1.37 -11.29
N ARG B 61 -1.81 0.18 -11.77
CA ARG B 61 -2.96 0.04 -12.71
C ARG B 61 -4.25 0.44 -12.02
N ALA B 62 -4.45 0.09 -10.75
CA ALA B 62 -5.64 0.45 -9.97
C ALA B 62 -5.69 1.99 -9.88
N ALA B 63 -4.58 2.62 -9.52
CA ALA B 63 -4.53 4.09 -9.37
C ALA B 63 -4.83 4.74 -10.73
N TRP B 64 -4.21 4.24 -11.81
CA TRP B 64 -4.37 4.77 -13.17
C TRP B 64 -5.87 4.72 -13.54
N ARG B 65 -6.56 3.62 -13.23
CA ARG B 65 -8.01 3.49 -13.51
C ARG B 65 -8.86 4.48 -12.71
N VAL B 66 -8.55 4.70 -11.45
CA VAL B 66 -9.24 5.69 -10.59
C VAL B 66 -9.08 7.07 -11.23
N LEU B 67 -7.85 7.45 -11.60
CA LEU B 67 -7.57 8.81 -12.08
C LEU B 67 -8.17 8.97 -13.49
N SER B 68 -8.04 7.94 -14.34
CA SER B 68 -8.52 8.00 -15.73
C SER B 68 -10.04 8.18 -15.72
N SER B 69 -10.71 7.56 -14.75
CA SER B 69 -12.17 7.61 -14.55
C SER B 69 -12.58 9.04 -14.16
N ILE B 70 -11.94 9.59 -13.12
CA ILE B 70 -12.11 11.03 -12.71
C ILE B 70 -11.82 11.97 -13.91
N GLU B 71 -10.75 11.76 -14.67
CA GLU B 71 -10.35 12.62 -15.82
C GLU B 71 -11.49 12.64 -16.84
N GLN B 72 -12.19 11.52 -17.02
CA GLN B 72 -13.17 11.37 -18.13
C GLN B 72 -14.51 11.98 -17.70
N LYS B 73 -14.85 11.96 -16.41
CA LYS B 73 -16.06 12.64 -15.88
C LYS B 73 -15.90 14.16 -16.06
N SER B 74 -14.82 14.76 -15.55
CA SER B 74 -14.59 16.23 -15.60
C SER B 74 -14.60 16.73 -17.06
N ASN B 75 -14.20 15.88 -18.02
CA ASN B 75 -14.11 16.18 -19.47
C ASN B 75 -15.48 16.10 -20.16
N GLU B 76 -16.45 15.37 -19.59
CA GLU B 76 -17.86 15.26 -20.09
C GLU B 76 -18.62 16.55 -19.72
N GLU B 77 -18.36 17.65 -20.46
CA GLU B 77 -18.87 19.02 -20.17
C GLU B 77 -18.13 19.58 -18.95
N LYS B 82 -11.77 21.64 -16.14
CA LYS B 82 -11.80 21.93 -14.68
C LYS B 82 -10.36 21.96 -14.11
N GLY B 83 -9.37 22.32 -14.93
CA GLY B 83 -7.94 22.40 -14.58
C GLY B 83 -7.13 21.16 -15.00
N PRO B 84 -5.81 21.32 -15.18
CA PRO B 84 -4.97 20.27 -15.71
C PRO B 84 -4.57 19.24 -14.62
N GLU B 85 -4.99 19.40 -13.38
CA GLU B 85 -4.37 18.62 -12.26
C GLU B 85 -4.67 17.10 -12.41
N VAL B 86 -5.89 16.69 -12.74
CA VAL B 86 -6.21 15.24 -12.88
C VAL B 86 -5.35 14.66 -13.98
N ARG B 87 -5.30 15.30 -15.15
CA ARG B 87 -4.45 14.80 -16.24
C ARG B 87 -2.99 14.74 -15.80
N GLU B 88 -2.47 15.79 -15.17
CA GLU B 88 -1.04 15.79 -14.76
C GLU B 88 -0.74 14.61 -13.82
N TYR B 89 -1.61 14.37 -12.86
CA TYR B 89 -1.35 13.33 -11.85
C TYR B 89 -1.53 11.95 -12.52
N ARG B 90 -2.52 11.83 -13.42
CA ARG B 90 -2.66 10.57 -14.23
C ARG B 90 -1.40 10.32 -15.02
N GLU B 91 -0.82 11.35 -15.67
CA GLU B 91 0.43 11.20 -16.45
C GLU B 91 1.60 10.75 -15.55
N LYS B 92 1.70 11.29 -14.35
CA LYS B 92 2.75 10.88 -13.38
C LYS B 92 2.62 9.38 -13.07
N VAL B 93 1.41 8.93 -12.73
CA VAL B 93 1.18 7.50 -12.36
C VAL B 93 1.47 6.64 -13.60
N GLU B 94 1.06 7.12 -14.76
CA GLU B 94 1.36 6.43 -16.03
C GLU B 94 2.85 6.22 -16.24
N THR B 95 3.69 7.26 -16.04
CA THR B 95 5.12 7.16 -16.29
C THR B 95 5.72 6.18 -15.28
N GLU B 96 5.24 6.19 -14.05
CA GLU B 96 5.76 5.24 -13.02
C GLU B 96 5.43 3.80 -13.45
N LEU B 97 4.18 3.57 -13.87
CA LEU B 97 3.71 2.23 -14.36
C LEU B 97 4.58 1.81 -15.51
N GLN B 98 4.80 2.69 -16.49
CA GLN B 98 5.66 2.38 -17.62
C GLN B 98 7.06 1.98 -17.12
N GLY B 99 7.62 2.67 -16.12
CA GLY B 99 8.97 2.35 -15.62
C GLY B 99 9.03 0.90 -15.10
N VAL B 100 8.03 0.50 -14.35
CA VAL B 100 7.97 -0.85 -13.75
C VAL B 100 7.89 -1.86 -14.90
N CYS B 101 7.05 -1.63 -15.90
CA CYS B 101 6.89 -2.62 -16.99
C CYS B 101 8.20 -2.72 -17.74
N ASP B 102 8.87 -1.59 -18.02
CA ASP B 102 10.16 -1.60 -18.75
C ASP B 102 11.19 -2.38 -17.92
N THR B 103 11.17 -2.24 -16.61
CA THR B 103 12.09 -2.99 -15.71
C THR B 103 11.85 -4.49 -15.91
N VAL B 104 10.58 -4.91 -15.81
CA VAL B 104 10.23 -6.37 -15.94
C VAL B 104 10.60 -6.83 -17.33
N LEU B 105 10.24 -6.07 -18.36
CA LEU B 105 10.58 -6.48 -19.73
C LEU B 105 12.08 -6.56 -19.95
N GLY B 106 12.87 -5.66 -19.36
CA GLY B 106 14.33 -5.74 -19.45
C GLY B 106 14.87 -6.97 -18.74
N LEU B 107 14.31 -7.36 -17.60
CA LEU B 107 14.79 -8.54 -16.86
C LEU B 107 14.47 -9.77 -17.72
N LEU B 108 13.27 -9.82 -18.30
CA LEU B 108 12.89 -10.97 -19.15
C LEU B 108 13.85 -11.07 -20.33
N ASP B 109 14.08 -9.99 -21.04
CA ASP B 109 14.89 -10.00 -22.27
C ASP B 109 16.36 -10.25 -21.93
N SER B 110 16.89 -9.59 -20.90
CA SER B 110 18.32 -9.65 -20.57
C SER B 110 18.66 -10.97 -19.87
N HIS B 111 17.78 -11.52 -19.02
CA HIS B 111 18.21 -12.63 -18.14
C HIS B 111 17.36 -13.89 -18.26
N LEU B 112 16.05 -13.81 -18.48
CA LEU B 112 15.15 -14.94 -18.14
C LEU B 112 14.65 -15.71 -19.37
N ILE B 113 14.37 -15.03 -20.48
CA ILE B 113 13.90 -15.72 -21.71
C ILE B 113 15.12 -16.36 -22.39
N LYS B 114 15.05 -17.67 -22.57
CA LYS B 114 16.19 -18.46 -23.12
C LYS B 114 15.60 -19.47 -24.10
N GLU B 115 16.37 -19.90 -25.10
CA GLU B 115 16.08 -21.13 -25.90
C GLU B 115 16.05 -22.38 -25.02
N ALA B 116 16.95 -22.50 -24.06
CA ALA B 116 17.04 -23.66 -23.15
C ALA B 116 15.97 -23.62 -22.06
N GLY B 117 15.88 -24.71 -21.29
CA GLY B 117 14.98 -24.86 -20.14
C GLY B 117 13.75 -25.63 -20.51
N ASP B 118 12.99 -26.05 -19.51
CA ASP B 118 11.76 -26.84 -19.73
C ASP B 118 10.71 -25.91 -20.37
N ALA B 119 9.72 -26.55 -20.97
CA ALA B 119 8.57 -25.89 -21.61
C ALA B 119 7.89 -24.96 -20.60
N GLU B 120 7.69 -25.43 -19.38
CA GLU B 120 6.97 -24.71 -18.33
C GLU B 120 7.67 -23.35 -18.12
N SER B 121 8.98 -23.38 -17.95
CA SER B 121 9.77 -22.13 -17.72
C SER B 121 9.67 -21.23 -18.96
N ARG B 122 9.79 -21.77 -20.17
CA ARG B 122 9.81 -20.95 -21.39
C ARG B 122 8.45 -20.29 -21.55
N VAL B 123 7.38 -21.03 -21.30
CA VAL B 123 6.01 -20.48 -21.46
C VAL B 123 5.80 -19.43 -20.38
N PHE B 124 6.13 -19.73 -19.12
CA PHE B 124 5.96 -18.79 -18.00
C PHE B 124 6.55 -17.42 -18.37
N TYR B 125 7.77 -17.34 -18.85
CA TYR B 125 8.45 -16.04 -19.10
C TYR B 125 7.88 -15.35 -20.34
N LEU B 126 7.53 -16.10 -21.39
CA LEU B 126 6.92 -15.47 -22.57
C LEU B 126 5.52 -14.97 -22.24
N LYS B 127 4.74 -15.67 -21.43
CA LYS B 127 3.42 -15.19 -21.00
C LYS B 127 3.62 -13.88 -20.18
N MET B 128 4.59 -13.86 -19.30
CA MET B 128 4.91 -12.62 -18.52
C MET B 128 5.27 -11.50 -19.49
N LYS B 129 6.05 -11.74 -20.53
CA LYS B 129 6.39 -10.70 -21.53
C LYS B 129 5.10 -10.18 -22.18
N GLY B 130 4.20 -11.08 -22.59
CA GLY B 130 2.89 -10.63 -23.09
C GLY B 130 2.12 -9.80 -22.09
N ASP B 131 2.05 -10.21 -20.80
CA ASP B 131 1.30 -9.53 -19.74
C ASP B 131 1.85 -8.10 -19.55
N TYR B 132 3.17 -7.94 -19.52
CA TYR B 132 3.74 -6.59 -19.23
C TYR B 132 3.60 -5.70 -20.48
N TYR B 133 3.69 -6.24 -21.69
CA TYR B 133 3.34 -5.45 -22.89
C TYR B 133 1.87 -5.13 -22.86
N ARG B 134 1.01 -6.03 -22.40
CA ARG B 134 -0.42 -5.71 -22.31
C ARG B 134 -0.64 -4.56 -21.32
N TYR B 135 0.05 -4.54 -20.17
CA TYR B 135 -0.10 -3.42 -19.20
C TYR B 135 0.37 -2.11 -19.85
N LEU B 136 1.44 -2.11 -20.63
CA LEU B 136 1.89 -0.93 -21.38
C LEU B 136 0.82 -0.52 -22.39
N ALA B 137 0.17 -1.48 -23.03
CA ALA B 137 -0.84 -1.19 -24.06
C ALA B 137 -2.02 -0.50 -23.42
N GLU B 138 -2.41 -0.87 -22.19
CA GLU B 138 -3.57 -0.28 -21.48
C GLU B 138 -3.43 1.25 -21.38
N VAL B 139 -2.24 1.80 -21.39
CA VAL B 139 -2.05 3.27 -21.16
C VAL B 139 -1.47 3.91 -22.42
N ALA B 140 -1.11 3.16 -23.44
CA ALA B 140 -0.38 3.70 -24.63
C ALA B 140 -1.38 4.36 -25.57
N THR B 141 -0.83 5.15 -26.51
CA THR B 141 -1.58 5.75 -27.66
C THR B 141 -0.79 5.67 -28.96
N GLY B 142 -1.49 5.86 -30.08
CA GLY B 142 -0.86 6.10 -31.38
C GLY B 142 0.05 5.00 -31.83
N ASP B 143 1.10 5.40 -32.53
CA ASP B 143 2.05 4.47 -33.17
C ASP B 143 2.70 3.61 -32.07
N ASP B 144 2.98 4.21 -30.91
CA ASP B 144 3.61 3.48 -29.75
C ASP B 144 2.66 2.32 -29.37
N LYS B 145 1.37 2.60 -29.21
CA LYS B 145 0.41 1.53 -28.87
C LYS B 145 0.43 0.43 -29.92
N LYS B 146 0.47 0.75 -31.21
CA LYS B 146 0.43 -0.29 -32.27
C LYS B 146 1.68 -1.17 -32.15
N ARG B 147 2.86 -0.58 -31.92
CA ARG B 147 4.09 -1.39 -31.71
C ARG B 147 3.94 -2.29 -30.48
N ILE B 148 3.33 -1.77 -29.43
CA ILE B 148 3.25 -2.54 -28.14
C ILE B 148 2.28 -3.73 -28.34
N ILE B 149 1.18 -3.47 -29.03
CA ILE B 149 0.15 -4.52 -29.27
C ILE B 149 0.79 -5.64 -30.07
N ASP B 150 1.60 -5.32 -31.08
CA ASP B 150 2.28 -6.32 -31.91
C ASP B 150 3.26 -7.09 -31.01
N SER B 151 3.99 -6.40 -30.16
CA SER B 151 4.96 -7.04 -29.23
C SER B 151 4.22 -8.01 -28.28
N ALA B 152 3.10 -7.61 -27.73
CA ALA B 152 2.34 -8.46 -26.79
C ALA B 152 1.85 -9.69 -27.57
N ARG B 153 1.30 -9.47 -28.76
CA ARG B 153 0.73 -10.58 -29.56
C ARG B 153 1.83 -11.58 -29.87
N SER B 154 2.99 -11.11 -30.29
CA SER B 154 4.14 -11.97 -30.67
C SER B 154 4.59 -12.85 -29.50
N ALA B 155 4.72 -12.26 -28.32
CA ALA B 155 5.11 -12.98 -27.09
C ALA B 155 4.05 -14.01 -26.74
N TYR B 156 2.79 -13.63 -26.66
CA TYR B 156 1.71 -14.59 -26.31
C TYR B 156 1.66 -15.71 -27.36
N GLN B 157 1.79 -15.36 -28.64
CA GLN B 157 1.70 -16.41 -29.71
C GLN B 157 2.86 -17.41 -29.61
N GLU B 158 4.09 -16.96 -29.37
CA GLU B 158 5.24 -17.87 -29.19
C GLU B 158 4.93 -18.81 -28.01
N ALA B 159 4.42 -18.26 -26.91
CA ALA B 159 4.09 -19.06 -25.70
C ALA B 159 3.01 -20.09 -26.07
N MET B 160 2.00 -19.66 -26.84
CA MET B 160 0.84 -20.52 -27.19
C MET B 160 1.36 -21.67 -28.06
N ASP B 161 2.32 -21.41 -28.97
CA ASP B 161 2.88 -22.42 -29.89
C ASP B 161 3.67 -23.46 -29.09
N ILE B 162 4.45 -23.04 -28.10
CA ILE B 162 5.18 -23.98 -27.21
C ILE B 162 4.16 -24.78 -26.42
N SER B 163 3.16 -24.15 -25.84
CA SER B 163 2.26 -24.85 -24.91
C SER B 163 1.45 -25.92 -25.71
N LYS B 164 1.06 -25.63 -26.95
CA LYS B 164 0.28 -26.60 -27.79
C LYS B 164 1.14 -27.84 -28.05
N LYS B 165 2.44 -27.66 -28.30
CA LYS B 165 3.40 -28.73 -28.69
C LYS B 165 3.87 -29.46 -27.43
N GLU B 166 4.00 -28.82 -26.28
CA GLU B 166 4.79 -29.42 -25.16
C GLU B 166 3.98 -29.66 -23.92
N MET B 167 2.71 -29.25 -23.87
CA MET B 167 1.94 -29.36 -22.61
C MET B 167 0.56 -29.91 -22.93
N PRO B 168 -0.01 -30.66 -21.98
CA PRO B 168 -1.38 -31.12 -22.11
C PRO B 168 -2.40 -29.98 -21.98
N PRO B 169 -3.62 -30.14 -22.54
CA PRO B 169 -4.62 -29.08 -22.52
C PRO B 169 -5.12 -28.66 -21.14
N THR B 170 -4.87 -29.47 -20.10
CA THR B 170 -5.26 -29.21 -18.70
C THR B 170 -4.12 -28.53 -17.91
N ASN B 171 -2.96 -28.38 -18.49
CA ASN B 171 -1.76 -27.84 -17.80
C ASN B 171 -2.07 -26.41 -17.34
N PRO B 172 -1.98 -26.12 -16.04
CA PRO B 172 -2.36 -24.81 -15.52
C PRO B 172 -1.62 -23.63 -16.14
N ILE B 173 -0.36 -23.78 -16.50
CA ILE B 173 0.41 -22.67 -17.13
C ILE B 173 -0.11 -22.44 -18.54
N ARG B 174 -0.37 -23.50 -19.32
CA ARG B 174 -1.08 -23.41 -20.61
C ARG B 174 -2.43 -22.73 -20.44
N LEU B 175 -3.26 -23.15 -19.48
CA LEU B 175 -4.62 -22.58 -19.26
C LEU B 175 -4.51 -21.07 -18.90
N GLY B 176 -3.58 -20.72 -18.00
CA GLY B 176 -3.34 -19.31 -17.58
C GLY B 176 -2.93 -18.43 -18.75
N LEU B 177 -2.11 -18.97 -19.63
CA LEU B 177 -1.61 -18.28 -20.82
C LEU B 177 -2.80 -18.01 -21.73
N ALA B 178 -3.66 -19.03 -21.93
CA ALA B 178 -4.81 -18.87 -22.86
C ALA B 178 -5.79 -17.85 -22.28
N LEU B 179 -6.04 -17.91 -20.97
CA LEU B 179 -6.90 -16.95 -20.27
C LEU B 179 -6.39 -15.53 -20.55
N ASN B 180 -5.11 -15.28 -20.34
CA ASN B 180 -4.56 -13.89 -20.47
C ASN B 180 -4.52 -13.47 -21.95
N PHE B 181 -4.23 -14.37 -22.87
CA PHE B 181 -4.23 -14.07 -24.31
C PHE B 181 -5.65 -13.73 -24.74
N SER B 182 -6.65 -14.42 -24.18
CA SER B 182 -8.07 -14.12 -24.53
C SER B 182 -8.41 -12.70 -24.07
N VAL B 183 -7.98 -12.34 -22.87
CA VAL B 183 -8.21 -10.96 -22.36
C VAL B 183 -7.51 -9.95 -23.26
N PHE B 184 -6.29 -10.25 -23.69
CA PHE B 184 -5.55 -9.39 -24.63
C PHE B 184 -6.41 -9.18 -25.88
N HIS B 185 -6.93 -10.27 -26.46
CA HIS B 185 -7.71 -10.12 -27.71
C HIS B 185 -8.92 -9.22 -27.44
N TYR B 186 -9.60 -9.44 -26.34
CA TYR B 186 -10.89 -8.79 -26.04
C TYR B 186 -10.68 -7.29 -25.72
N GLU B 187 -9.73 -7.00 -24.85
CA GLU B 187 -9.62 -5.67 -24.17
C GLU B 187 -8.61 -4.77 -24.88
N ILE B 188 -7.63 -5.34 -25.53
CA ILE B 188 -6.51 -4.56 -26.12
C ILE B 188 -6.62 -4.56 -27.65
N ALA B 189 -6.79 -5.73 -28.26
CA ALA B 189 -6.52 -5.93 -29.69
C ALA B 189 -7.83 -5.73 -30.46
N ASN B 190 -8.91 -5.39 -29.78
CA ASN B 190 -10.23 -5.15 -30.41
C ASN B 190 -10.64 -6.36 -31.25
N SER B 191 -10.46 -7.58 -30.72
CA SER B 191 -10.79 -8.85 -31.41
C SER B 191 -11.67 -9.71 -30.52
N PRO B 192 -12.89 -9.27 -30.18
CA PRO B 192 -13.73 -10.03 -29.26
C PRO B 192 -14.03 -11.44 -29.77
N GLU B 193 -14.10 -11.61 -31.09
CA GLU B 193 -14.42 -12.93 -31.72
C GLU B 193 -13.29 -13.91 -31.39
N GLU B 194 -12.03 -13.51 -31.64
CA GLU B 194 -10.83 -14.32 -31.33
C GLU B 194 -10.80 -14.60 -29.82
N ALA B 195 -11.14 -13.62 -28.96
CA ALA B 195 -11.13 -13.83 -27.49
C ALA B 195 -12.11 -14.95 -27.11
N ILE B 196 -13.34 -14.81 -27.58
CA ILE B 196 -14.43 -15.78 -27.24
C ILE B 196 -14.05 -17.17 -27.78
N SER B 197 -13.63 -17.26 -29.04
CA SER B 197 -13.23 -18.54 -29.68
CA SER B 197 -13.17 -18.50 -29.72
C SER B 197 -12.10 -19.20 -28.88
N LEU B 198 -11.11 -18.40 -28.43
CA LEU B 198 -9.95 -18.97 -27.70
C LEU B 198 -10.40 -19.49 -26.34
N ALA B 199 -11.23 -18.74 -25.60
CA ALA B 199 -11.76 -19.15 -24.29
C ALA B 199 -12.62 -20.44 -24.44
N LYS B 200 -13.47 -20.50 -25.46
CA LYS B 200 -14.33 -21.72 -25.69
C LYS B 200 -13.44 -22.95 -25.96
N THR B 201 -12.52 -22.82 -26.90
CA THR B 201 -11.60 -23.92 -27.31
C THR B 201 -10.76 -24.38 -26.12
N THR B 202 -10.25 -23.42 -25.35
CA THR B 202 -9.37 -23.75 -24.22
C THR B 202 -10.20 -24.54 -23.20
N PHE B 203 -11.41 -24.09 -22.96
CA PHE B 203 -12.27 -24.66 -21.91
C PHE B 203 -12.62 -26.10 -22.35
N ASP B 204 -13.00 -26.26 -23.60
CA ASP B 204 -13.54 -27.54 -24.16
C ASP B 204 -12.42 -28.57 -24.25
N GLU B 205 -11.21 -28.19 -24.64
CA GLU B 205 -10.10 -29.14 -24.75
C GLU B 205 -9.67 -29.55 -23.35
N ALA B 206 -9.73 -28.69 -22.33
CA ALA B 206 -9.43 -29.09 -20.95
C ALA B 206 -10.53 -30.03 -20.44
N MET B 207 -11.79 -29.67 -20.65
CA MET B 207 -12.96 -30.46 -20.16
C MET B 207 -12.80 -31.93 -20.58
N ALA B 208 -12.42 -32.17 -21.83
CA ALA B 208 -12.28 -33.53 -22.40
C ALA B 208 -11.24 -34.35 -21.63
N ASP B 209 -10.31 -33.71 -20.93
CA ASP B 209 -9.16 -34.42 -20.27
C ASP B 209 -9.27 -34.42 -18.74
N LEU B 210 -10.27 -33.79 -18.15
CA LEU B 210 -10.31 -33.60 -16.66
C LEU B 210 -10.29 -34.95 -15.93
N HIS B 211 -10.92 -35.97 -16.54
CA HIS B 211 -11.12 -37.33 -15.94
C HIS B 211 -9.74 -37.96 -15.67
N THR B 212 -8.69 -37.54 -16.38
CA THR B 212 -7.31 -38.09 -16.25
C THR B 212 -6.54 -37.49 -15.06
N LEU B 213 -7.03 -36.46 -14.36
CA LEU B 213 -6.22 -35.68 -13.39
C LEU B 213 -6.35 -36.21 -11.96
N SER B 214 -5.25 -36.17 -11.21
CA SER B 214 -5.20 -36.30 -9.72
C SER B 214 -6.09 -35.22 -9.10
N GLU B 215 -6.38 -35.27 -7.80
CA GLU B 215 -7.32 -34.33 -7.12
C GLU B 215 -6.68 -32.93 -6.95
N ASP B 216 -5.37 -32.87 -6.71
CA ASP B 216 -4.56 -31.62 -6.68
C ASP B 216 -4.53 -31.00 -8.09
N SER B 217 -4.20 -31.77 -9.13
CA SER B 217 -4.19 -31.29 -10.54
C SER B 217 -5.59 -30.80 -10.97
N TYR B 218 -6.63 -31.50 -10.52
CA TYR B 218 -8.04 -31.18 -10.87
C TYR B 218 -8.35 -29.79 -10.31
N LYS B 219 -7.99 -29.57 -9.04
CA LYS B 219 -8.20 -28.29 -8.34
C LYS B 219 -7.58 -27.15 -9.14
N ASP B 220 -6.29 -27.28 -9.47
CA ASP B 220 -5.48 -26.27 -10.21
C ASP B 220 -6.08 -25.99 -11.60
N SER B 221 -6.41 -27.02 -12.37
CA SER B 221 -6.97 -26.82 -13.73
C SER B 221 -8.33 -26.16 -13.65
N THR B 222 -9.22 -26.62 -12.77
CA THR B 222 -10.63 -26.17 -12.81
C THR B 222 -10.74 -24.75 -12.23
N LEU B 223 -9.84 -24.36 -11.33
CA LEU B 223 -9.80 -22.95 -10.86
C LEU B 223 -9.69 -22.03 -12.09
N ILE B 224 -8.76 -22.30 -13.01
CA ILE B 224 -8.54 -21.41 -14.19
C ILE B 224 -9.69 -21.60 -15.19
N MET B 225 -10.20 -22.81 -15.34
CA MET B 225 -11.37 -23.03 -16.24
C MET B 225 -12.55 -22.17 -15.79
N GLN B 226 -12.70 -21.96 -14.49
CA GLN B 226 -13.82 -21.16 -13.95
C GLN B 226 -13.63 -19.69 -14.39
N LEU B 227 -12.39 -19.22 -14.49
CA LEU B 227 -12.12 -17.84 -14.99
C LEU B 227 -12.50 -17.73 -16.46
N LEU B 228 -12.16 -18.73 -17.28
CA LEU B 228 -12.54 -18.72 -18.70
C LEU B 228 -14.07 -18.66 -18.77
N ARG B 229 -14.73 -19.43 -17.93
CA ARG B 229 -16.21 -19.54 -17.95
C ARG B 229 -16.80 -18.19 -17.51
N ASP B 230 -16.25 -17.54 -16.48
CA ASP B 230 -16.67 -16.18 -16.03
C ASP B 230 -16.53 -15.16 -17.15
N ASN B 231 -15.42 -15.19 -17.89
CA ASN B 231 -15.18 -14.29 -19.04
C ASN B 231 -16.20 -14.57 -20.12
N LEU B 232 -16.48 -15.86 -20.42
CA LEU B 232 -17.45 -16.15 -21.50
C LEU B 232 -18.86 -15.65 -21.11
N THR B 233 -19.23 -15.72 -19.84
CA THR B 233 -20.49 -15.14 -19.30
C THR B 233 -20.54 -13.64 -19.63
N LEU B 234 -19.51 -12.92 -19.20
CA LEU B 234 -19.34 -11.47 -19.48
C LEU B 234 -19.37 -11.17 -20.98
N TRP B 235 -18.81 -12.01 -21.85
CA TRP B 235 -18.63 -11.66 -23.29
C TRP B 235 -19.74 -12.18 -24.20
N THR B 236 -20.64 -13.08 -23.75
CA THR B 236 -21.61 -13.74 -24.65
C THR B 236 -23.04 -13.60 -24.11
N MET C 34 -18.77 -5.42 -15.36
CA MET C 34 -17.57 -5.90 -14.63
C MET C 34 -16.40 -6.00 -15.62
N ARG C 35 -15.17 -6.07 -15.10
CA ARG C 35 -13.90 -6.23 -15.87
C ARG C 35 -13.62 -7.71 -16.10
N PRO C 36 -13.12 -8.13 -17.28
CA PRO C 36 -12.73 -9.54 -17.49
C PRO C 36 -11.59 -9.94 -16.56
N ARG C 37 -11.51 -11.22 -16.18
CA ARG C 37 -10.51 -11.73 -15.21
C ARG C 37 -9.26 -12.19 -15.94
N LEU C 39 -5.29 -14.00 -15.02
CA LEU C 39 -4.81 -14.94 -14.04
C LEU C 39 -4.48 -14.17 -12.75
N GLU C 40 -4.94 -14.67 -11.60
CA GLU C 40 -4.64 -14.09 -10.25
C GLU C 40 -3.23 -14.58 -9.91
N VAL C 41 -2.30 -13.65 -9.76
CA VAL C 41 -0.84 -13.96 -9.80
C VAL C 41 -0.10 -12.73 -9.21
N MET D 34 -27.65 6.11 19.95
CA MET D 34 -26.75 4.91 20.19
C MET D 34 -25.39 5.38 20.73
N ARG D 35 -25.14 5.13 22.01
CA ARG D 35 -23.91 5.60 22.69
C ARG D 35 -23.12 4.36 23.07
N PRO D 36 -21.80 4.51 23.35
CA PRO D 36 -21.01 3.43 23.93
C PRO D 36 -21.55 3.02 25.29
N ARG D 37 -21.27 1.80 25.71
CA ARG D 37 -21.74 1.27 27.01
C ARG D 37 -20.96 1.95 28.12
N LEU D 39 -18.99 2.39 31.63
CA LEU D 39 -17.91 1.60 32.21
C LEU D 39 -18.45 0.76 33.36
N GLU D 40 -17.85 -0.42 33.60
CA GLU D 40 -18.27 -1.42 34.61
C GLU D 40 -17.54 -1.14 35.92
N ARG E 1 -3.69 -5.19 19.74
CA ARG E 1 -2.83 -4.08 20.20
C ARG E 1 -3.70 -2.99 20.81
N ASN E 2 -3.10 -1.90 21.27
CA ASN E 2 -3.85 -0.74 21.79
C ASN E 2 -4.41 0.06 20.62
N ALA E 3 -5.61 0.58 20.77
CA ALA E 3 -6.22 1.44 19.74
C ALA E 3 -5.66 2.86 19.92
N SER E 5 -5.80 6.90 17.67
N SER E 5 -5.79 6.90 17.69
CA SER E 5 -6.75 7.65 16.87
CA SER E 5 -6.63 7.72 16.85
C SER E 5 -6.49 7.42 15.38
C SER E 5 -6.49 7.32 15.37
N ALA E 6 -7.56 7.50 14.60
CA ALA E 6 -7.50 7.49 13.11
C ALA E 6 -6.72 8.74 12.65
N GLY E 7 -6.29 8.72 11.37
CA GLY E 7 -5.62 9.88 10.76
C GLY E 7 -6.55 11.06 10.66
N ARG E 8 -7.84 10.80 10.40
CA ARG E 8 -8.91 11.81 10.37
C ARG E 8 -9.73 11.72 11.67
N LEU E 9 -9.74 12.80 12.44
CA LEU E 9 -10.47 12.93 13.74
C LEU E 9 -11.85 13.56 13.53
N GLN E 10 -12.05 14.32 12.45
CA GLN E 10 -13.33 15.04 12.20
C GLN E 10 -13.60 14.99 10.69
N GLY E 11 -14.88 14.96 10.26
CA GLY E 11 -15.29 14.93 8.84
C GLY E 11 -15.40 13.52 8.27
#